data_1FSG
#
_entry.id   1FSG
#
_cell.length_a   69.330
_cell.length_b   90.180
_cell.length_c   75.720
_cell.angle_alpha   90.00
_cell.angle_beta   90.00
_cell.angle_gamma   90.00
#
_symmetry.space_group_name_H-M   'P 21 21 2'
#
loop_
_entity.id
_entity.type
_entity.pdbx_description
1 polymer 'HYPOXANTHINE-GUANINE PHOSPHORIBOSYLTRANSFERASE'
2 non-polymer 'MAGNESIUM ION'
3 non-polymer 1-O-pyrophosphono-5-O-phosphono-alpha-D-ribofuranose
4 non-polymer 9-DEAZAGUANINE
5 water water
#
_entity_poly.entity_id   1
_entity_poly.type   'polypeptide(L)'
_entity_poly.pdbx_seq_one_letter_code
;GSHMASKPIEDYGKGKGRIEPMYIPDNTFYNADDFLVPPHCKPYIDKILLPGGLVKDRVEKLAYDIHRTYFGEELHIICI
LKGSRGFFNLLIDYLATIQKYSGRESSVPPFFEHYVRLKSYQNDNSTGQLTVLSDDLSIFRDKHVLIVEDIVDTGFTLTE
FGERLKAVGPKSMRIATLVEKRTDRSNSLKGDFVGFSIEDVWIVGCCYDFNEMFRDFDHVAVLSDAARKKFEK
;
_entity_poly.pdbx_strand_id   A,C
#
# COMPACT_ATOMS: atom_id res chain seq x y z
N GLY A 1 14.88 -28.71 -13.38
CA GLY A 1 15.77 -28.08 -12.43
C GLY A 1 16.81 -27.22 -13.15
N SER A 2 17.08 -26.09 -12.49
CA SER A 2 18.14 -25.17 -12.84
C SER A 2 19.09 -24.91 -11.68
N HIS A 3 20.35 -24.71 -12.05
CA HIS A 3 21.36 -24.36 -11.07
C HIS A 3 21.04 -23.05 -10.36
N MET A 4 20.17 -22.16 -10.82
CA MET A 4 19.71 -20.95 -10.18
C MET A 4 19.17 -21.24 -8.77
N ALA A 5 18.51 -22.38 -8.56
CA ALA A 5 17.97 -22.71 -7.28
C ALA A 5 19.02 -23.21 -6.28
N SER A 6 20.14 -23.70 -6.74
CA SER A 6 21.17 -24.23 -5.84
C SER A 6 21.73 -23.15 -4.93
N LYS A 7 22.14 -23.56 -3.76
CA LYS A 7 22.90 -22.67 -2.85
C LYS A 7 23.62 -23.57 -1.84
N PRO A 8 24.92 -23.40 -1.67
CA PRO A 8 25.62 -24.20 -0.66
C PRO A 8 25.01 -24.07 0.74
N ILE A 9 24.88 -25.13 1.52
CA ILE A 9 24.33 -25.03 2.90
C ILE A 9 25.17 -24.12 3.76
N GLU A 10 26.48 -24.07 3.52
CA GLU A 10 27.33 -23.18 4.32
C GLU A 10 27.05 -21.71 4.06
N ASP A 11 26.33 -21.37 2.99
CA ASP A 11 25.94 -20.00 2.69
C ASP A 11 24.63 -19.61 3.41
N TYR A 12 23.99 -20.56 4.11
CA TYR A 12 22.76 -20.25 4.84
C TYR A 12 22.95 -19.06 5.73
N GLY A 13 22.07 -18.08 5.60
CA GLY A 13 22.07 -16.91 6.45
C GLY A 13 23.14 -15.89 6.20
N LYS A 14 23.88 -16.01 5.13
CA LYS A 14 24.93 -15.08 4.77
C LYS A 14 24.50 -14.06 3.74
N GLY A 15 23.29 -14.19 3.16
CA GLY A 15 22.78 -13.24 2.17
C GLY A 15 23.60 -13.09 0.93
N LYS A 16 24.31 -14.17 0.52
CA LYS A 16 25.26 -14.01 -0.57
C LYS A 16 24.49 -13.90 -1.89
N GLY A 17 24.89 -12.92 -2.69
CA GLY A 17 24.26 -12.73 -4.01
C GLY A 17 22.86 -12.11 -3.92
N ARG A 18 22.43 -11.56 -2.81
CA ARG A 18 21.06 -11.06 -2.65
C ARG A 18 20.85 -9.73 -3.36
N ILE A 19 19.59 -9.42 -3.62
CA ILE A 19 19.17 -8.06 -3.99
C ILE A 19 18.94 -7.28 -2.70
N GLU A 20 19.60 -6.15 -2.52
CA GLU A 20 19.45 -5.42 -1.24
C GLU A 20 18.03 -4.93 -1.08
N PRO A 21 17.55 -4.91 0.16
CA PRO A 21 16.18 -4.47 0.45
C PRO A 21 16.01 -2.96 0.28
N MET A 22 14.74 -2.52 0.29
CA MET A 22 14.40 -1.10 0.41
C MET A 22 14.94 -0.61 1.75
N TYR A 23 15.69 0.47 1.78
CA TYR A 23 16.30 0.98 3.00
C TYR A 23 15.46 2.14 3.50
N ILE A 24 14.82 2.00 4.65
CA ILE A 24 14.02 3.08 5.25
C ILE A 24 14.99 3.88 6.10
N PRO A 25 15.28 5.14 5.76
CA PRO A 25 16.26 5.91 6.52
C PRO A 25 15.79 6.11 7.97
N ASP A 26 16.74 6.34 8.89
CA ASP A 26 16.43 6.67 10.27
C ASP A 26 15.38 7.79 10.32
N ASN A 27 14.51 7.71 11.31
CA ASN A 27 13.53 8.74 11.63
C ASN A 27 12.61 9.10 10.49
N THR A 28 12.16 8.09 9.72
CA THR A 28 11.24 8.22 8.59
C THR A 28 9.91 7.55 8.91
N PHE A 29 8.89 8.37 9.15
CA PHE A 29 7.59 7.86 9.55
C PHE A 29 6.46 8.64 8.90
N TYR A 30 5.32 8.00 8.78
CA TYR A 30 4.03 8.61 8.48
C TYR A 30 3.28 8.85 9.80
N ASN A 31 2.31 9.74 9.79
CA ASN A 31 1.47 10.04 10.91
C ASN A 31 0.27 9.12 10.99
N ALA A 32 0.07 8.46 12.12
CA ALA A 32 -1.08 7.57 12.30
C ALA A 32 -2.42 8.27 12.01
N ASP A 33 -2.50 9.59 12.28
CA ASP A 33 -3.78 10.27 12.07
C ASP A 33 -4.20 10.33 10.63
N ASP A 34 -3.33 10.03 9.65
CA ASP A 34 -3.67 9.99 8.23
C ASP A 34 -4.29 8.65 7.81
N PHE A 35 -4.39 7.71 8.72
CA PHE A 35 -4.92 6.37 8.48
C PHE A 35 -6.15 6.13 9.33
N LEU A 36 -6.94 5.13 8.94
CA LEU A 36 -8.06 4.70 9.79
C LEU A 36 -7.49 3.78 10.82
N VAL A 37 -7.57 4.12 12.09
CA VAL A 37 -7.04 3.35 13.20
C VAL A 37 -8.17 2.86 14.07
N PRO A 38 -8.33 1.53 14.26
CA PRO A 38 -9.50 1.04 15.00
C PRO A 38 -9.42 1.39 16.47
N PRO A 39 -10.56 1.41 17.17
CA PRO A 39 -10.62 1.90 18.56
C PRO A 39 -9.65 1.21 19.51
N HIS A 40 -9.42 -0.10 19.36
CA HIS A 40 -8.54 -0.81 20.30
C HIS A 40 -7.08 -0.44 20.12
N CYS A 41 -6.72 0.17 18.98
CA CYS A 41 -5.37 0.65 18.70
C CYS A 41 -5.20 2.15 18.87
N LYS A 42 -6.28 2.94 18.78
CA LYS A 42 -6.18 4.39 18.71
C LYS A 42 -5.36 4.99 19.85
N PRO A 43 -5.47 4.58 21.09
CA PRO A 43 -4.68 5.26 22.14
C PRO A 43 -3.18 5.00 22.04
N TYR A 44 -2.77 4.04 21.22
CA TYR A 44 -1.44 3.44 21.29
C TYR A 44 -0.57 3.65 20.06
N ILE A 45 -1.12 4.01 18.93
CA ILE A 45 -0.37 4.11 17.68
C ILE A 45 -0.22 5.56 17.26
N ASP A 46 1.04 6.00 17.17
CA ASP A 46 1.31 7.38 16.76
C ASP A 46 2.09 7.49 15.46
N LYS A 47 3.07 6.62 15.24
CA LYS A 47 3.98 6.68 14.09
C LYS A 47 3.92 5.40 13.29
N ILE A 48 3.69 5.58 11.99
CA ILE A 48 3.64 4.45 11.04
C ILE A 48 4.92 4.40 10.26
N LEU A 49 5.66 3.29 10.42
CA LEU A 49 6.89 3.01 9.69
C LEU A 49 6.61 2.49 8.28
N LEU A 50 5.74 1.46 8.18
CA LEU A 50 5.39 0.82 6.89
C LEU A 50 3.89 0.74 6.79
N PRO A 51 3.26 1.58 5.94
CA PRO A 51 1.84 1.37 5.64
C PRO A 51 1.64 -0.06 5.15
N GLY A 52 0.55 -0.73 5.47
CA GLY A 52 0.13 -2.01 5.10
C GLY A 52 0.14 -2.15 3.58
N GLY A 53 -0.25 -1.10 2.88
CA GLY A 53 -0.22 -1.21 1.44
C GLY A 53 1.18 -1.20 0.84
N LEU A 54 2.07 -0.48 1.47
CA LEU A 54 3.49 -0.51 1.08
C LEU A 54 4.07 -1.93 1.29
N VAL A 55 3.71 -2.55 2.43
CA VAL A 55 4.09 -3.96 2.66
C VAL A 55 3.63 -4.81 1.47
N LYS A 56 2.35 -4.70 1.09
CA LYS A 56 1.85 -5.55 0.01
C LYS A 56 2.56 -5.31 -1.29
N ASP A 57 2.81 -4.02 -1.62
CA ASP A 57 3.52 -3.66 -2.86
C ASP A 57 4.90 -4.28 -2.90
N ARG A 58 5.61 -4.26 -1.77
CA ARG A 58 6.97 -4.75 -1.70
C ARG A 58 6.99 -6.29 -1.77
N VAL A 59 6.01 -6.93 -1.14
CA VAL A 59 5.94 -8.38 -1.19
C VAL A 59 5.71 -8.87 -2.62
N GLU A 60 5.00 -8.09 -3.48
CA GLU A 60 4.87 -8.45 -4.88
C GLU A 60 6.23 -8.66 -5.51
N LYS A 61 7.15 -7.70 -5.29
CA LYS A 61 8.49 -7.77 -5.87
C LYS A 61 9.27 -8.93 -5.31
N LEU A 62 9.21 -9.13 -3.99
CA LEU A 62 9.87 -10.30 -3.38
C LEU A 62 9.38 -11.62 -3.99
N ALA A 63 8.05 -11.70 -4.18
CA ALA A 63 7.46 -12.91 -4.75
C ALA A 63 8.00 -13.14 -6.14
N TYR A 64 8.12 -12.11 -6.96
CA TYR A 64 8.69 -12.30 -8.32
C TYR A 64 10.14 -12.74 -8.24
N ASP A 65 10.89 -12.16 -7.30
CA ASP A 65 12.32 -12.53 -7.11
C ASP A 65 12.41 -14.02 -6.77
N ILE A 66 11.51 -14.53 -5.92
CA ILE A 66 11.46 -15.91 -5.50
C ILE A 66 11.04 -16.82 -6.64
N HIS A 67 9.97 -16.44 -7.37
CA HIS A 67 9.49 -17.11 -8.58
C HIS A 67 10.64 -17.34 -9.55
N ARG A 68 11.45 -16.30 -9.79
CA ARG A 68 12.56 -16.40 -10.75
C ARG A 68 13.62 -17.34 -10.25
N THR A 69 13.83 -17.47 -8.95
CA THR A 69 14.86 -18.32 -8.40
C THR A 69 14.46 -19.79 -8.50
N TYR A 70 13.16 -20.07 -8.33
CA TYR A 70 12.68 -21.44 -8.13
C TYR A 70 11.76 -21.93 -9.24
N PHE A 71 11.63 -21.27 -10.39
CA PHE A 71 10.67 -21.71 -11.36
C PHE A 71 10.86 -23.18 -11.73
N GLY A 72 9.75 -23.92 -11.64
CA GLY A 72 9.79 -25.30 -12.03
C GLY A 72 10.42 -26.24 -11.01
N GLU A 73 10.88 -25.70 -9.86
CA GLU A 73 11.51 -26.46 -8.82
C GLU A 73 10.48 -26.94 -7.77
N GLU A 74 10.71 -28.09 -7.14
CA GLU A 74 9.98 -28.44 -5.92
C GLU A 74 10.49 -27.57 -4.80
N LEU A 75 9.64 -26.72 -4.24
CA LEU A 75 9.99 -25.69 -3.29
C LEU A 75 9.17 -25.90 -2.01
N HIS A 76 9.87 -26.17 -0.89
CA HIS A 76 9.25 -26.39 0.41
C HIS A 76 9.41 -25.11 1.22
N ILE A 77 8.28 -24.43 1.48
CA ILE A 77 8.25 -23.14 2.12
C ILE A 77 7.72 -23.28 3.53
N ILE A 78 8.49 -22.77 4.49
CA ILE A 78 8.20 -22.95 5.90
C ILE A 78 7.78 -21.60 6.54
N CYS A 79 6.57 -21.54 7.04
CA CYS A 79 6.05 -20.39 7.76
C CYS A 79 6.47 -20.47 9.21
N ILE A 80 7.16 -19.47 9.73
CA ILE A 80 7.57 -19.38 11.12
C ILE A 80 6.48 -18.66 11.93
N LEU A 81 5.74 -19.43 12.71
CA LEU A 81 4.61 -18.92 13.49
C LEU A 81 5.09 -18.37 14.85
N LYS A 82 4.31 -17.43 15.42
CA LYS A 82 3.10 -16.84 14.85
C LYS A 82 3.37 -15.72 13.81
N GLY A 83 4.51 -15.01 14.01
CA GLY A 83 4.64 -13.70 13.40
C GLY A 83 4.58 -13.64 11.90
N SER A 84 5.11 -14.66 11.21
CA SER A 84 5.16 -14.59 9.74
C SER A 84 3.82 -14.91 9.09
N ARG A 85 2.75 -15.17 9.81
CA ARG A 85 1.46 -15.57 9.19
C ARG A 85 1.05 -14.63 8.08
N GLY A 86 1.07 -13.31 8.30
CA GLY A 86 0.57 -12.33 7.33
C GLY A 86 1.43 -12.22 6.08
N PHE A 87 2.75 -12.15 6.30
CA PHE A 87 3.69 -12.10 5.19
C PHE A 87 3.60 -13.38 4.35
N PHE A 88 3.61 -14.53 5.04
CA PHE A 88 3.50 -15.83 4.36
C PHE A 88 2.24 -15.89 3.52
N ASN A 89 1.09 -15.49 4.07
CA ASN A 89 -0.16 -15.53 3.30
C ASN A 89 -0.09 -14.63 2.08
N LEU A 90 0.45 -13.43 2.20
CA LEU A 90 0.60 -12.55 1.03
C LEU A 90 1.49 -13.21 -0.02
N LEU A 91 2.63 -13.73 0.45
CA LEU A 91 3.65 -14.31 -0.43
C LEU A 91 3.08 -15.45 -1.22
N ILE A 92 2.45 -16.40 -0.56
CA ILE A 92 1.97 -17.59 -1.28
C ILE A 92 0.84 -17.23 -2.23
N ASP A 93 0.03 -16.19 -1.95
CA ASP A 93 -1.00 -15.72 -2.92
C ASP A 93 -0.28 -15.23 -4.17
N TYR A 94 0.73 -14.38 -4.02
CA TYR A 94 1.48 -13.92 -5.19
C TYR A 94 2.18 -15.07 -5.92
N LEU A 95 2.83 -15.99 -5.21
CA LEU A 95 3.54 -17.07 -5.89
C LEU A 95 2.58 -17.87 -6.77
N ALA A 96 1.41 -18.21 -6.23
CA ALA A 96 0.43 -18.97 -6.99
C ALA A 96 -0.10 -18.17 -8.18
N THR A 97 -0.37 -16.89 -7.98
CA THR A 97 -0.91 -16.08 -9.07
C THR A 97 0.09 -15.87 -10.19
N ILE A 98 1.33 -15.59 -9.86
CA ILE A 98 2.38 -15.40 -10.84
C ILE A 98 2.48 -16.67 -11.70
N GLN A 99 2.55 -17.83 -11.04
CA GLN A 99 2.68 -19.08 -11.79
C GLN A 99 1.46 -19.32 -12.65
N LYS A 100 0.27 -19.02 -12.16
CA LYS A 100 -0.98 -19.24 -12.91
C LYS A 100 -1.02 -18.42 -14.21
N TYR A 101 -0.43 -17.22 -14.21
CA TYR A 101 -0.43 -16.33 -15.36
C TYR A 101 0.81 -16.43 -16.23
N SER A 102 1.84 -17.13 -15.79
CA SER A 102 3.09 -17.26 -16.50
C SER A 102 2.89 -17.96 -17.87
N GLY A 103 3.46 -17.36 -18.91
CA GLY A 103 3.47 -17.99 -20.23
C GLY A 103 4.25 -19.31 -20.22
N ARG A 104 5.44 -19.28 -19.59
CA ARG A 104 6.21 -20.50 -19.32
C ARG A 104 5.44 -21.35 -18.30
N GLU A 105 5.32 -22.63 -18.57
CA GLU A 105 4.52 -23.52 -17.75
C GLU A 105 5.37 -24.52 -16.97
N SER A 106 4.90 -24.80 -15.75
CA SER A 106 5.48 -25.77 -14.84
C SER A 106 4.46 -26.87 -14.52
N SER A 107 4.85 -28.16 -14.50
CA SER A 107 3.94 -29.19 -13.99
C SER A 107 4.08 -29.36 -12.50
N VAL A 108 4.98 -28.66 -11.80
CA VAL A 108 5.18 -28.67 -10.36
C VAL A 108 4.37 -27.56 -9.71
N PRO A 109 3.76 -27.78 -8.54
CA PRO A 109 3.07 -26.68 -7.85
C PRO A 109 4.03 -25.56 -7.53
N PRO A 110 3.50 -24.35 -7.28
CA PRO A 110 4.39 -23.21 -7.01
C PRO A 110 5.15 -23.35 -5.70
N PHE A 111 4.64 -24.12 -4.76
CA PHE A 111 5.28 -24.37 -3.47
C PHE A 111 4.58 -25.56 -2.83
N PHE A 112 5.20 -26.05 -1.75
CA PHE A 112 4.60 -26.96 -0.77
C PHE A 112 4.74 -26.34 0.62
N GLU A 113 3.65 -26.08 1.30
CA GLU A 113 3.66 -25.33 2.55
C GLU A 113 3.90 -26.19 3.78
N HIS A 114 4.54 -25.59 4.78
CA HIS A 114 4.83 -26.21 6.08
C HIS A 114 4.82 -25.14 7.17
N TYR A 115 4.71 -25.56 8.42
CA TYR A 115 4.58 -24.66 9.56
C TYR A 115 5.52 -25.12 10.68
N VAL A 116 6.25 -24.15 11.24
CA VAL A 116 7.06 -24.37 12.44
C VAL A 116 6.79 -23.21 13.39
N ARG A 117 6.49 -23.47 14.64
CA ARG A 117 6.27 -22.41 15.65
C ARG A 117 7.55 -22.25 16.43
N LEU A 118 8.12 -21.04 16.41
CA LEU A 118 9.30 -20.68 17.17
C LEU A 118 8.92 -19.61 18.17
N LYS A 119 9.53 -19.61 19.34
CA LYS A 119 9.25 -18.50 20.28
C LYS A 119 10.50 -18.15 21.10
N SER A 120 10.81 -16.88 21.14
CA SER A 120 11.95 -16.29 21.84
C SER A 120 11.61 -15.16 22.81
N TYR A 121 10.69 -14.26 22.47
CA TYR A 121 10.50 -13.02 23.17
C TYR A 121 9.44 -13.07 24.24
N GLN A 122 9.65 -12.24 25.28
CA GLN A 122 8.65 -11.79 26.23
C GLN A 122 8.85 -10.28 26.33
N ASN A 123 7.82 -9.45 26.33
CA ASN A 123 8.00 -7.98 26.12
C ASN A 123 8.86 -7.81 24.89
N ASP A 124 9.91 -7.03 24.92
CA ASP A 124 10.82 -6.80 23.81
C ASP A 124 12.20 -7.39 24.10
N ASN A 125 12.25 -8.41 24.97
CA ASN A 125 13.50 -9.03 25.39
C ASN A 125 13.46 -10.52 25.14
N SER A 126 14.49 -11.13 24.59
CA SER A 126 14.49 -12.59 24.48
C SER A 126 14.60 -13.21 25.86
N THR A 127 13.95 -14.36 26.07
CA THR A 127 14.19 -15.16 27.25
C THR A 127 15.51 -15.85 27.26
N GLY A 128 16.23 -15.99 26.17
CA GLY A 128 17.42 -16.75 25.95
C GLY A 128 17.23 -18.20 25.52
N GLN A 129 16.00 -18.71 25.59
CA GLN A 129 15.65 -20.07 25.22
C GLN A 129 14.78 -20.02 23.96
N LEU A 130 14.96 -20.88 22.95
CA LEU A 130 14.09 -20.95 21.79
C LEU A 130 13.14 -22.14 21.91
N THR A 131 11.84 -21.93 21.88
CA THR A 131 10.82 -22.94 21.77
C THR A 131 10.72 -23.33 20.29
N VAL A 132 10.73 -24.63 20.00
CA VAL A 132 10.62 -25.14 18.64
C VAL A 132 9.50 -26.19 18.58
N LEU A 133 8.47 -25.94 17.80
CA LEU A 133 7.37 -26.90 17.56
C LEU A 133 7.26 -27.18 16.06
N SER A 134 7.48 -28.43 15.64
CA SER A 134 7.50 -28.73 14.21
C SER A 134 7.03 -30.18 13.93
N ASP A 135 6.67 -30.53 12.71
CA ASP A 135 6.59 -31.92 12.25
C ASP A 135 8.04 -32.45 12.27
N ASP A 136 8.19 -33.71 12.02
CA ASP A 136 9.51 -34.31 11.89
C ASP A 136 10.27 -33.63 10.76
N LEU A 137 11.41 -33.04 11.06
CA LEU A 137 12.15 -32.28 10.05
C LEU A 137 12.82 -33.15 9.00
N SER A 138 12.84 -34.48 9.19
CA SER A 138 13.46 -35.38 8.22
C SER A 138 12.81 -35.26 6.84
N ILE A 139 11.57 -34.77 6.80
CA ILE A 139 10.94 -34.57 5.50
C ILE A 139 11.65 -33.57 4.60
N PHE A 140 12.52 -32.73 5.14
CA PHE A 140 13.29 -31.75 4.37
C PHE A 140 14.61 -32.24 3.83
N ARG A 141 14.97 -33.50 4.09
CA ARG A 141 16.19 -34.08 3.49
C ARG A 141 16.12 -33.95 1.97
N ASP A 142 17.21 -33.43 1.37
CA ASP A 142 17.36 -33.30 -0.10
C ASP A 142 16.32 -32.36 -0.72
N LYS A 143 15.70 -31.48 0.04
CA LYS A 143 14.73 -30.53 -0.47
C LYS A 143 15.31 -29.13 -0.54
N HIS A 144 14.78 -28.34 -1.50
CA HIS A 144 14.98 -26.91 -1.54
C HIS A 144 14.01 -26.28 -0.53
N VAL A 145 14.61 -25.65 0.50
CA VAL A 145 13.82 -25.08 1.60
C VAL A 145 13.94 -23.55 1.59
N LEU A 146 12.79 -22.90 1.76
CA LEU A 146 12.73 -21.46 1.91
C LEU A 146 12.02 -21.18 3.22
N ILE A 147 12.72 -20.59 4.21
CA ILE A 147 12.15 -20.17 5.47
C ILE A 147 11.54 -18.79 5.33
N VAL A 148 10.32 -18.59 5.77
CA VAL A 148 9.59 -17.31 5.66
C VAL A 148 9.37 -16.78 7.05
N GLU A 149 9.90 -15.57 7.28
CA GLU A 149 9.92 -14.91 8.58
C GLU A 149 9.44 -13.48 8.45
N ASP A 150 8.88 -12.94 9.58
CA ASP A 150 8.47 -11.54 9.59
C ASP A 150 9.63 -10.55 9.83
N ILE A 151 10.53 -10.84 10.75
CA ILE A 151 11.66 -9.98 11.05
C ILE A 151 12.84 -10.81 11.49
N VAL A 152 14.03 -10.35 11.12
CA VAL A 152 15.31 -10.78 11.68
C VAL A 152 15.89 -9.55 12.43
N ASP A 153 16.20 -9.74 13.71
CA ASP A 153 16.66 -8.67 14.58
C ASP A 153 18.02 -9.07 15.10
N THR A 154 18.10 -9.87 16.19
CA THR A 154 19.36 -10.40 16.68
C THR A 154 19.90 -11.55 15.83
N GLY A 155 19.00 -12.24 15.11
CA GLY A 155 19.39 -13.45 14.40
C GLY A 155 19.32 -14.75 15.17
N PHE A 156 19.03 -14.75 16.44
CA PHE A 156 19.02 -15.88 17.33
C PHE A 156 17.99 -16.91 16.79
N THR A 157 16.79 -16.46 16.51
CA THR A 157 15.72 -17.40 16.09
C THR A 157 16.14 -18.24 14.90
N LEU A 158 16.59 -17.55 13.83
CA LEU A 158 16.94 -18.28 12.59
C LEU A 158 18.31 -18.92 12.63
N THR A 159 19.21 -18.47 13.49
CA THR A 159 20.50 -19.18 13.64
C THR A 159 20.25 -20.54 14.29
N GLU A 160 19.52 -20.54 15.40
CA GLU A 160 19.22 -21.73 16.14
C GLU A 160 18.38 -22.70 15.32
N PHE A 161 17.27 -22.19 14.72
CA PHE A 161 16.44 -23.10 13.92
C PHE A 161 17.20 -23.59 12.71
N GLY A 162 18.02 -22.72 12.09
CA GLY A 162 18.83 -23.15 10.95
C GLY A 162 19.69 -24.35 11.27
N GLU A 163 20.29 -24.41 12.46
CA GLU A 163 21.11 -25.59 12.79
C GLU A 163 20.26 -26.87 12.85
N ARG A 164 19.03 -26.78 13.34
CA ARG A 164 18.15 -27.96 13.37
C ARG A 164 17.88 -28.46 11.95
N LEU A 165 17.64 -27.51 11.02
CA LEU A 165 17.41 -27.92 9.65
C LEU A 165 18.65 -28.49 8.99
N LYS A 166 19.83 -27.89 9.24
CA LYS A 166 21.04 -28.40 8.58
C LYS A 166 21.24 -29.86 8.92
N ALA A 167 20.84 -30.25 10.14
CA ALA A 167 21.08 -31.63 10.59
C ALA A 167 20.35 -32.69 9.79
N VAL A 168 19.31 -32.34 9.07
CA VAL A 168 18.59 -33.33 8.24
C VAL A 168 19.05 -33.33 6.81
N GLY A 169 20.01 -32.49 6.42
CA GLY A 169 20.58 -32.52 5.06
C GLY A 169 19.69 -31.99 3.96
N PRO A 170 19.17 -30.77 4.02
CA PRO A 170 18.41 -30.20 2.89
C PRO A 170 19.36 -29.99 1.70
N LYS A 171 18.75 -29.86 0.51
CA LYS A 171 19.54 -29.52 -0.68
C LYS A 171 19.97 -28.09 -0.74
N SER A 172 19.08 -27.15 -0.33
CA SER A 172 19.39 -25.74 -0.28
C SER A 172 18.56 -25.10 0.82
N MET A 173 19.04 -24.01 1.37
CA MET A 173 18.32 -23.27 2.42
C MET A 173 18.42 -21.77 2.17
N ARG A 174 17.30 -21.09 2.01
CA ARG A 174 17.24 -19.63 1.86
C ARG A 174 16.23 -19.10 2.90
N ILE A 175 16.37 -17.78 3.11
CA ILE A 175 15.47 -17.03 4.03
C ILE A 175 14.80 -15.89 3.29
N ALA A 176 13.48 -15.79 3.43
CA ALA A 176 12.71 -14.59 3.09
C ALA A 176 12.27 -13.96 4.38
N THR A 177 12.59 -12.69 4.62
CA THR A 177 12.14 -11.96 5.81
C THR A 177 11.61 -10.62 5.37
N LEU A 178 10.42 -10.26 5.86
CA LEU A 178 9.84 -8.98 5.44
C LEU A 178 10.74 -7.82 5.87
N VAL A 179 11.25 -7.88 7.10
CA VAL A 179 12.05 -6.80 7.70
C VAL A 179 13.35 -7.36 8.20
N GLU A 180 14.42 -6.59 8.09
CA GLU A 180 15.69 -6.76 8.80
C GLU A 180 15.99 -5.47 9.54
N LYS A 181 16.38 -5.64 10.80
CA LYS A 181 16.65 -4.49 11.65
C LYS A 181 18.15 -4.18 11.63
N ARG A 182 18.48 -2.88 11.59
CA ARG A 182 19.86 -2.39 11.71
C ARG A 182 20.16 -2.23 13.19
N THR A 183 20.97 -3.14 13.74
CA THR A 183 21.26 -3.16 15.16
C THR A 183 22.58 -3.83 15.45
N ASP A 184 23.31 -3.29 16.44
CA ASP A 184 24.54 -3.93 16.89
C ASP A 184 24.24 -5.18 17.73
N ARG A 185 22.99 -5.53 17.96
CA ARG A 185 22.66 -6.82 18.61
C ARG A 185 22.68 -7.94 17.57
N SER A 186 22.74 -7.68 16.25
CA SER A 186 22.69 -8.75 15.25
C SER A 186 23.98 -9.55 15.25
N ASN A 187 23.82 -10.89 15.10
CA ASN A 187 24.95 -11.81 14.92
C ASN A 187 25.41 -11.96 13.46
N SER A 188 24.92 -11.10 12.62
CA SER A 188 25.23 -11.01 11.18
C SER A 188 24.43 -12.01 10.34
N LEU A 189 23.60 -12.86 10.88
CA LEU A 189 22.71 -13.64 9.99
C LEU A 189 21.79 -12.65 9.28
N LYS A 190 21.60 -12.87 7.98
CA LYS A 190 20.74 -12.02 7.19
C LYS A 190 20.01 -12.83 6.12
N GLY A 191 18.88 -12.27 5.68
CA GLY A 191 18.07 -12.96 4.72
C GLY A 191 18.54 -12.84 3.27
N ASP A 192 17.98 -13.71 2.42
CA ASP A 192 18.18 -13.73 0.99
C ASP A 192 17.17 -12.89 0.20
N PHE A 193 15.91 -12.89 0.64
CA PHE A 193 14.83 -12.08 0.05
C PHE A 193 14.27 -11.21 1.15
N VAL A 194 14.67 -9.95 1.21
CA VAL A 194 14.38 -9.09 2.33
C VAL A 194 13.58 -7.87 1.83
N GLY A 195 12.44 -7.61 2.49
CA GLY A 195 11.62 -6.48 2.09
C GLY A 195 12.22 -5.11 2.39
N PHE A 196 12.48 -4.88 3.67
CA PHE A 196 12.84 -3.58 4.17
C PHE A 196 13.97 -3.69 5.19
N SER A 197 14.92 -2.75 5.15
CA SER A 197 15.89 -2.50 6.23
C SER A 197 15.37 -1.30 7.06
N ILE A 198 15.27 -1.45 8.35
CA ILE A 198 14.75 -0.41 9.23
C ILE A 198 15.74 -0.12 10.36
N GLU A 199 15.59 1.05 10.97
CA GLU A 199 16.40 1.43 12.13
C GLU A 199 15.99 0.60 13.35
N ASP A 200 16.77 0.82 14.44
CA ASP A 200 16.63 0.02 15.67
C ASP A 200 15.50 0.52 16.52
N VAL A 201 14.27 0.14 16.15
CA VAL A 201 13.06 0.48 16.87
C VAL A 201 12.20 -0.79 16.98
N TRP A 202 11.38 -0.91 18.02
CA TRP A 202 10.52 -2.05 18.21
C TRP A 202 9.19 -1.80 17.50
N ILE A 203 8.94 -2.62 16.48
CA ILE A 203 7.75 -2.45 15.64
C ILE A 203 6.60 -3.31 16.12
N VAL A 204 5.38 -2.81 15.90
CA VAL A 204 4.14 -3.49 16.20
C VAL A 204 3.14 -3.25 15.09
N GLY A 205 2.14 -4.11 14.97
CA GLY A 205 1.15 -4.01 13.88
C GLY A 205 1.49 -4.97 12.76
N CYS A 206 0.52 -5.31 11.93
CA CYS A 206 0.76 -6.15 10.75
C CYS A 206 1.51 -7.43 11.12
N CYS A 207 0.97 -8.10 12.15
CA CYS A 207 1.47 -9.34 12.72
C CYS A 207 2.60 -9.17 13.73
N TYR A 208 3.27 -8.03 13.77
CA TYR A 208 4.31 -7.76 14.78
C TYR A 208 3.65 -7.49 16.12
N ASP A 209 3.90 -8.34 17.13
CA ASP A 209 3.18 -8.20 18.41
C ASP A 209 4.08 -7.68 19.53
N PHE A 210 3.40 -7.18 20.55
CA PHE A 210 4.01 -6.95 21.87
C PHE A 210 3.12 -7.74 22.87
N ASN A 211 3.64 -8.85 23.38
CA ASN A 211 2.86 -9.75 24.24
C ASN A 211 1.48 -10.11 23.67
N GLU A 212 1.48 -10.46 22.38
CA GLU A 212 0.32 -10.92 21.65
C GLU A 212 -0.63 -9.78 21.22
N MET A 213 -0.35 -8.54 21.56
CA MET A 213 -1.15 -7.38 21.17
C MET A 213 -0.61 -6.77 19.86
N PHE A 214 -1.55 -6.19 19.09
CA PHE A 214 -1.34 -5.39 17.88
C PHE A 214 -1.27 -6.22 16.57
N ARG A 215 -1.44 -7.54 16.61
CA ARG A 215 -1.20 -8.30 15.37
C ARG A 215 -2.16 -7.90 14.25
N ASP A 216 -3.42 -7.62 14.58
CA ASP A 216 -4.47 -7.38 13.59
C ASP A 216 -4.45 -5.97 13.04
N PHE A 217 -3.66 -5.05 13.62
CA PHE A 217 -3.63 -3.69 13.08
C PHE A 217 -3.04 -3.75 11.66
N ASP A 218 -3.51 -2.93 10.74
CA ASP A 218 -3.14 -3.07 9.34
C ASP A 218 -1.76 -2.58 8.98
N HIS A 219 -1.14 -1.74 9.80
CA HIS A 219 0.06 -1.02 9.46
C HIS A 219 1.22 -1.34 10.42
N VAL A 220 2.45 -1.16 9.96
CA VAL A 220 3.62 -1.40 10.84
C VAL A 220 3.93 -0.07 11.52
N ALA A 221 3.77 -0.03 12.82
CA ALA A 221 4.02 1.14 13.66
C ALA A 221 5.18 0.89 14.61
N VAL A 222 5.54 1.89 15.35
CA VAL A 222 6.50 1.76 16.45
C VAL A 222 5.74 1.61 17.77
N LEU A 223 6.35 0.88 18.68
CA LEU A 223 5.85 0.72 20.06
C LEU A 223 5.97 2.02 20.82
N SER A 224 4.86 2.63 21.20
CA SER A 224 4.85 3.86 21.93
C SER A 224 4.99 3.61 23.41
N ASP A 225 5.29 4.70 24.15
CA ASP A 225 5.39 4.58 25.61
C ASP A 225 4.04 4.16 26.20
N ALA A 226 2.92 4.67 25.66
CA ALA A 226 1.59 4.28 26.15
C ALA A 226 1.33 2.80 25.96
N ALA A 227 1.67 2.19 24.86
CA ALA A 227 1.52 0.85 24.47
C ALA A 227 2.38 0.00 25.41
N ARG A 228 3.65 0.41 25.61
CA ARG A 228 4.50 -0.38 26.49
C ARG A 228 3.89 -0.42 27.90
N LYS A 229 3.49 0.75 28.40
CA LYS A 229 2.93 0.78 29.75
C LYS A 229 1.68 -0.07 29.90
N LYS A 230 0.81 -0.04 28.92
CA LYS A 230 -0.46 -0.77 29.03
C LYS A 230 -0.23 -2.28 28.92
N PHE A 231 0.66 -2.72 28.02
CA PHE A 231 0.71 -4.13 27.62
C PHE A 231 1.95 -4.90 28.11
N GLU A 232 2.89 -4.24 28.77
CA GLU A 232 4.03 -4.99 29.33
C GLU A 232 3.62 -5.91 30.45
N LYS A 233 4.46 -6.95 30.66
CA LYS A 233 4.19 -7.89 31.74
C LYS A 233 5.46 -8.22 32.51
N GLY B 1 -25.76 12.46 7.34
CA GLY B 1 -27.14 12.84 7.77
C GLY B 1 -27.26 14.33 7.53
N SER B 2 -28.42 14.98 7.55
CA SER B 2 -28.53 16.37 7.06
C SER B 2 -27.68 17.29 7.89
N HIS B 3 -27.51 17.05 9.20
CA HIS B 3 -26.73 17.96 10.03
C HIS B 3 -25.28 17.94 9.59
N MET B 4 -24.79 16.80 9.13
CA MET B 4 -23.42 16.69 8.69
C MET B 4 -23.26 17.06 7.21
N ALA B 5 -24.25 16.74 6.37
CA ALA B 5 -24.10 16.82 4.92
C ALA B 5 -24.29 18.26 4.45
N SER B 6 -25.03 19.10 5.16
CA SER B 6 -25.29 20.44 4.69
C SER B 6 -24.02 21.25 4.58
N LYS B 7 -23.95 22.13 3.57
CA LYS B 7 -22.78 22.99 3.32
C LYS B 7 -23.21 24.11 2.34
N PRO B 8 -22.92 25.36 2.59
CA PRO B 8 -23.27 26.43 1.63
C PRO B 8 -22.62 26.22 0.29
N ILE B 9 -23.37 26.49 -0.78
CA ILE B 9 -22.85 26.34 -2.14
C ILE B 9 -21.64 27.23 -2.37
N GLU B 10 -21.62 28.44 -1.82
CA GLU B 10 -20.56 29.41 -1.92
C GLU B 10 -19.27 28.88 -1.30
N ASP B 11 -19.29 27.83 -0.49
CA ASP B 11 -18.04 27.26 0.02
C ASP B 11 -17.41 26.28 -0.93
N TYR B 12 -18.06 26.02 -2.07
CA TYR B 12 -17.44 25.12 -3.04
C TYR B 12 -16.04 25.55 -3.42
N GLY B 13 -15.05 24.66 -3.37
CA GLY B 13 -13.69 24.92 -3.76
C GLY B 13 -12.83 25.60 -2.71
N LYS B 14 -13.38 25.89 -1.53
CA LYS B 14 -12.62 26.50 -0.46
C LYS B 14 -11.97 25.47 0.47
N GLY B 15 -12.43 24.21 0.43
CA GLY B 15 -11.97 23.23 1.41
C GLY B 15 -12.23 23.68 2.84
N LYS B 16 -13.29 24.44 3.06
CA LYS B 16 -13.61 25.01 4.36
C LYS B 16 -13.98 23.90 5.35
N GLY B 17 -13.29 23.88 6.48
CA GLY B 17 -13.52 22.92 7.49
C GLY B 17 -12.98 21.52 7.23
N ARG B 18 -12.13 21.37 6.21
CA ARG B 18 -11.61 20.05 5.85
C ARG B 18 -10.61 19.47 6.82
N ILE B 19 -10.39 18.16 6.75
CA ILE B 19 -9.25 17.52 7.35
C ILE B 19 -8.07 17.65 6.40
N GLU B 20 -6.94 18.24 6.82
CA GLU B 20 -5.83 18.37 5.92
C GLU B 20 -5.31 17.04 5.43
N PRO B 21 -4.83 16.99 4.18
CA PRO B 21 -4.34 15.73 3.61
C PRO B 21 -2.99 15.29 4.21
N MET B 22 -2.59 14.07 3.87
CA MET B 22 -1.22 13.63 4.12
C MET B 22 -0.27 14.53 3.31
N TYR B 23 0.75 15.08 3.99
CA TYR B 23 1.70 15.98 3.37
C TYR B 23 2.97 15.23 2.97
N ILE B 24 3.26 15.18 1.65
CA ILE B 24 4.48 14.53 1.16
C ILE B 24 5.49 15.66 0.95
N PRO B 25 6.57 15.76 1.73
CA PRO B 25 7.52 16.86 1.57
C PRO B 25 8.24 16.84 0.22
N ASP B 26 8.74 17.99 -0.24
CA ASP B 26 9.52 18.06 -1.45
C ASP B 26 10.62 17.00 -1.47
N ASN B 27 10.87 16.47 -2.65
CA ASN B 27 11.96 15.54 -2.91
C ASN B 27 11.86 14.24 -2.12
N THR B 28 10.64 13.74 -1.86
CA THR B 28 10.45 12.47 -1.14
C THR B 28 9.96 11.41 -2.12
N PHE B 29 10.86 10.47 -2.44
CA PHE B 29 10.53 9.46 -3.45
C PHE B 29 11.11 8.08 -3.05
N TYR B 30 10.38 7.02 -3.36
CA TYR B 30 10.87 5.67 -3.38
C TYR B 30 11.54 5.38 -4.73
N ASN B 31 12.32 4.31 -4.81
CA ASN B 31 13.01 3.88 -6.01
C ASN B 31 12.20 2.84 -6.75
N ALA B 32 11.97 3.05 -8.03
CA ALA B 32 11.21 2.05 -8.83
C ALA B 32 11.81 0.67 -8.76
N ASP B 33 13.12 0.54 -8.60
CA ASP B 33 13.73 -0.79 -8.61
C ASP B 33 13.32 -1.66 -7.42
N ASP B 34 12.69 -1.09 -6.38
CA ASP B 34 12.18 -1.86 -5.25
C ASP B 34 10.77 -2.41 -5.48
N PHE B 35 10.16 -2.08 -6.63
CA PHE B 35 8.80 -2.49 -6.97
C PHE B 35 8.87 -3.36 -8.24
N LEU B 36 7.78 -4.09 -8.51
CA LEU B 36 7.68 -4.79 -9.77
C LEU B 36 7.15 -3.82 -10.83
N VAL B 37 7.91 -3.64 -11.89
CA VAL B 37 7.59 -2.71 -12.95
C VAL B 37 7.42 -3.49 -14.25
N PRO B 38 6.23 -3.46 -14.86
CA PRO B 38 6.00 -4.32 -16.05
C PRO B 38 6.80 -3.85 -17.25
N PRO B 39 7.11 -4.71 -18.21
CA PRO B 39 8.04 -4.38 -19.30
C PRO B 39 7.72 -3.11 -20.07
N HIS B 40 6.46 -2.78 -20.31
CA HIS B 40 6.08 -1.58 -21.09
C HIS B 40 6.38 -0.29 -20.32
N CYS B 41 6.52 -0.38 -19.01
CA CYS B 41 6.87 0.76 -18.20
C CYS B 41 8.33 0.83 -17.78
N LYS B 42 9.06 -0.28 -17.82
CA LYS B 42 10.41 -0.35 -17.27
C LYS B 42 11.34 0.74 -17.77
N PRO B 43 11.39 1.05 -19.07
CA PRO B 43 12.32 2.09 -19.52
C PRO B 43 12.02 3.48 -19.03
N TYR B 44 10.85 3.72 -18.42
CA TYR B 44 10.29 5.03 -18.24
C TYR B 44 10.07 5.42 -16.78
N ILE B 45 10.03 4.49 -15.86
CA ILE B 45 9.67 4.76 -14.48
C ILE B 45 10.89 4.61 -13.57
N ASP B 46 11.25 5.72 -12.92
CA ASP B 46 12.43 5.71 -12.04
C ASP B 46 12.09 6.10 -10.60
N LYS B 47 11.24 7.04 -10.36
CA LYS B 47 10.93 7.58 -9.06
C LYS B 47 9.44 7.33 -8.74
N ILE B 48 9.19 6.72 -7.59
CA ILE B 48 7.84 6.43 -7.14
C ILE B 48 7.48 7.39 -6.03
N LEU B 49 6.49 8.25 -6.29
CA LEU B 49 6.00 9.19 -5.32
C LEU B 49 5.05 8.53 -4.31
N LEU B 50 4.02 7.83 -4.83
CA LEU B 50 3.02 7.20 -4.00
C LEU B 50 2.86 5.71 -4.43
N PRO B 51 3.36 4.79 -3.60
CA PRO B 51 3.08 3.38 -3.86
C PRO B 51 1.60 3.18 -3.96
N GLY B 52 1.06 2.36 -4.82
CA GLY B 52 -0.26 2.01 -5.06
C GLY B 52 -0.96 1.54 -3.80
N GLY B 53 -0.22 0.80 -2.96
CA GLY B 53 -0.81 0.36 -1.70
C GLY B 53 -1.00 1.49 -0.71
N LEU B 54 -0.09 2.48 -0.71
CA LEU B 54 -0.30 3.67 0.11
C LEU B 54 -1.51 4.46 -0.36
N VAL B 55 -1.69 4.55 -1.68
CA VAL B 55 -2.94 5.11 -2.23
C VAL B 55 -4.14 4.42 -1.60
N LYS B 56 -4.18 3.08 -1.64
CA LYS B 56 -5.33 2.33 -1.15
C LYS B 56 -5.56 2.62 0.35
N ASP B 57 -4.47 2.61 1.14
CA ASP B 57 -4.59 2.86 2.57
C ASP B 57 -5.20 4.22 2.87
N ARG B 58 -4.77 5.25 2.11
CA ARG B 58 -5.30 6.58 2.28
C ARG B 58 -6.76 6.70 1.84
N VAL B 59 -7.11 6.01 0.74
CA VAL B 59 -8.50 6.04 0.28
C VAL B 59 -9.43 5.47 1.33
N GLU B 60 -8.99 4.45 2.08
CA GLU B 60 -9.86 3.93 3.16
C GLU B 60 -10.25 5.03 4.13
N LYS B 61 -9.27 5.85 4.55
CA LYS B 61 -9.54 6.91 5.49
C LYS B 61 -10.45 7.97 4.86
N LEU B 62 -10.21 8.38 3.61
CA LEU B 62 -11.13 9.30 2.92
C LEU B 62 -12.54 8.80 2.89
N ALA B 63 -12.69 7.48 2.57
CA ALA B 63 -14.00 6.89 2.50
C ALA B 63 -14.71 6.94 3.84
N TYR B 64 -13.98 6.72 4.93
CA TYR B 64 -14.56 6.84 6.27
C TYR B 64 -15.01 8.28 6.53
N ASP B 65 -14.15 9.25 6.17
CA ASP B 65 -14.52 10.66 6.33
C ASP B 65 -15.80 11.01 5.57
N ILE B 66 -15.94 10.44 4.37
CA ILE B 66 -17.13 10.67 3.53
C ILE B 66 -18.35 9.97 4.14
N HIS B 67 -18.23 8.73 4.58
CA HIS B 67 -19.29 8.01 5.29
C HIS B 67 -19.79 8.85 6.47
N ARG B 68 -18.89 9.44 7.23
CA ARG B 68 -19.29 10.23 8.42
C ARG B 68 -20.05 11.49 8.01
N THR B 69 -19.84 11.97 6.81
CA THR B 69 -20.52 13.16 6.32
C THR B 69 -21.92 12.86 5.80
N TYR B 70 -22.13 11.76 5.10
CA TYR B 70 -23.33 11.54 4.30
C TYR B 70 -24.20 10.39 4.79
N PHE B 71 -23.76 9.58 5.77
CA PHE B 71 -24.57 8.44 6.15
C PHE B 71 -26.03 8.81 6.44
N GLY B 72 -26.96 8.05 5.85
CA GLY B 72 -28.36 8.23 6.07
C GLY B 72 -29.04 9.15 5.09
N GLU B 73 -28.28 9.79 4.22
CA GLU B 73 -28.70 10.79 3.26
C GLU B 73 -28.39 10.31 1.85
N GLU B 74 -29.13 10.65 0.87
CA GLU B 74 -28.82 10.34 -0.52
C GLU B 74 -27.56 11.10 -0.89
N LEU B 75 -26.59 10.41 -1.47
CA LEU B 75 -25.30 10.93 -1.87
C LEU B 75 -25.15 10.66 -3.36
N HIS B 76 -25.02 11.69 -4.17
CA HIS B 76 -24.82 11.56 -5.61
C HIS B 76 -23.35 11.84 -5.90
N ILE B 77 -22.62 10.80 -6.31
CA ILE B 77 -21.19 10.85 -6.48
C ILE B 77 -20.87 10.82 -7.98
N ILE B 78 -20.06 11.76 -8.41
CA ILE B 78 -19.76 11.97 -9.84
C ILE B 78 -18.30 11.64 -10.10
N CYS B 79 -18.04 10.65 -10.92
CA CYS B 79 -16.72 10.26 -11.38
C CYS B 79 -16.32 11.15 -12.57
N ILE B 80 -15.19 11.86 -12.45
CA ILE B 80 -14.64 12.66 -13.56
C ILE B 80 -13.71 11.81 -14.39
N LEU B 81 -14.16 11.44 -15.56
CA LEU B 81 -13.45 10.57 -16.47
C LEU B 81 -12.48 11.37 -17.33
N LYS B 82 -11.37 10.72 -17.80
CA LYS B 82 -11.00 9.35 -17.50
C LYS B 82 -10.27 9.18 -16.14
N GLY B 83 -9.57 10.23 -15.71
CA GLY B 83 -8.54 10.06 -14.71
C GLY B 83 -8.95 9.52 -13.37
N SER B 84 -10.17 9.88 -12.92
CA SER B 84 -10.60 9.44 -11.61
C SER B 84 -11.10 7.99 -11.55
N ARG B 85 -11.12 7.23 -12.65
CA ARG B 85 -11.65 5.86 -12.65
C ARG B 85 -11.14 5.03 -11.47
N GLY B 86 -9.82 4.99 -11.27
CA GLY B 86 -9.25 4.09 -10.28
C GLY B 86 -9.56 4.54 -8.85
N PHE B 87 -9.41 5.83 -8.56
CA PHE B 87 -9.76 6.37 -7.25
C PHE B 87 -11.25 6.14 -6.95
N PHE B 88 -12.10 6.49 -7.93
CA PHE B 88 -13.55 6.31 -7.77
C PHE B 88 -13.89 4.88 -7.43
N ASN B 89 -13.32 3.92 -8.15
CA ASN B 89 -13.62 2.53 -7.94
C ASN B 89 -13.17 2.09 -6.55
N LEU B 90 -12.01 2.48 -6.09
CA LEU B 90 -11.57 2.18 -4.73
C LEU B 90 -12.54 2.80 -3.69
N LEU B 91 -12.87 4.08 -3.92
CA LEU B 91 -13.70 4.81 -2.98
C LEU B 91 -15.08 4.16 -2.81
N ILE B 92 -15.72 3.83 -3.93
CA ILE B 92 -17.09 3.31 -3.79
C ILE B 92 -17.06 1.91 -3.20
N ASP B 93 -15.98 1.13 -3.41
CA ASP B 93 -15.86 -0.18 -2.76
C ASP B 93 -15.79 0.01 -1.23
N TYR B 94 -14.93 0.91 -0.80
CA TYR B 94 -14.85 1.19 0.64
C TYR B 94 -16.19 1.74 1.18
N LEU B 95 -16.82 2.68 0.48
CA LEU B 95 -18.05 3.27 1.01
C LEU B 95 -19.10 2.19 1.23
N ALA B 96 -19.24 1.31 0.25
CA ALA B 96 -20.20 0.25 0.39
C ALA B 96 -19.85 -0.69 1.55
N THR B 97 -18.57 -1.05 1.67
CA THR B 97 -18.17 -1.98 2.73
C THR B 97 -18.36 -1.37 4.11
N ILE B 98 -17.98 -0.11 4.24
CA ILE B 98 -18.14 0.61 5.52
C ILE B 98 -19.58 0.60 5.96
N GLN B 99 -20.48 1.04 5.04
CA GLN B 99 -21.90 1.06 5.43
C GLN B 99 -22.39 -0.35 5.76
N LYS B 100 -22.01 -1.36 4.93
CA LYS B 100 -22.41 -2.75 5.15
C LYS B 100 -22.03 -3.29 6.50
N TYR B 101 -20.83 -2.98 6.97
CA TYR B 101 -20.34 -3.46 8.25
C TYR B 101 -20.62 -2.51 9.42
N SER B 102 -21.20 -1.34 9.18
CA SER B 102 -21.37 -0.35 10.25
C SER B 102 -22.31 -0.85 11.33
N GLY B 103 -23.27 -1.70 10.97
CA GLY B 103 -24.29 -2.14 11.93
C GLY B 103 -25.38 -1.11 12.19
N ARG B 104 -25.46 -0.06 11.40
CA ARG B 104 -26.42 1.01 11.54
C ARG B 104 -27.50 0.88 10.49
N GLU B 105 -28.74 1.10 10.89
CA GLU B 105 -29.82 0.99 9.92
C GLU B 105 -29.91 2.20 9.00
N SER B 106 -30.04 1.89 7.73
CA SER B 106 -30.34 2.92 6.72
C SER B 106 -31.02 2.24 5.55
N SER B 107 -32.13 2.78 5.06
CA SER B 107 -32.70 2.30 3.81
C SER B 107 -32.08 3.00 2.59
N VAL B 108 -31.14 3.95 2.80
CA VAL B 108 -30.55 4.68 1.70
C VAL B 108 -29.24 4.03 1.29
N PRO B 109 -29.01 3.77 0.01
CA PRO B 109 -27.74 3.21 -0.42
C PRO B 109 -26.57 4.11 -0.02
N PRO B 110 -25.36 3.56 0.00
CA PRO B 110 -24.17 4.35 0.40
C PRO B 110 -23.85 5.46 -0.59
N PHE B 111 -24.28 5.35 -1.85
CA PHE B 111 -24.06 6.33 -2.89
C PHE B 111 -24.99 5.99 -4.06
N PHE B 112 -25.14 6.95 -4.97
CA PHE B 112 -25.66 6.78 -6.31
C PHE B 112 -24.63 7.33 -7.29
N GLU B 113 -24.17 6.48 -8.22
CA GLU B 113 -23.05 6.84 -9.10
C GLU B 113 -23.51 7.56 -10.36
N HIS B 114 -22.62 8.43 -10.86
CA HIS B 114 -22.78 9.21 -12.06
C HIS B 114 -21.41 9.46 -12.69
N TYR B 115 -21.40 9.81 -13.99
CA TYR B 115 -20.20 9.95 -14.77
C TYR B 115 -20.23 11.19 -15.63
N VAL B 116 -19.13 11.92 -15.63
CA VAL B 116 -18.95 13.11 -16.47
C VAL B 116 -17.54 13.02 -17.03
N ARG B 117 -17.32 13.21 -18.35
CA ARG B 117 -16.00 13.17 -18.94
C ARG B 117 -15.59 14.63 -19.15
N LEU B 118 -14.46 15.02 -18.57
CA LEU B 118 -13.90 16.36 -18.74
C LEU B 118 -12.53 16.19 -19.37
N LYS B 119 -12.12 17.12 -20.24
CA LYS B 119 -10.76 17.04 -20.81
C LYS B 119 -10.18 18.44 -20.99
N SER B 120 -8.94 18.61 -20.55
CA SER B 120 -8.18 19.87 -20.60
C SER B 120 -6.83 19.71 -21.18
N TYR B 121 -6.09 18.64 -20.94
CA TYR B 121 -4.66 18.56 -21.22
C TYR B 121 -4.32 17.88 -22.55
N GLN B 122 -3.20 18.31 -23.11
CA GLN B 122 -2.45 17.65 -24.17
C GLN B 122 -0.99 17.72 -23.67
N ASN B 123 -0.21 16.65 -23.76
CA ASN B 123 1.08 16.63 -23.08
C ASN B 123 0.82 17.02 -21.63
N ASP B 124 1.60 17.93 -21.05
CA ASP B 124 1.44 18.43 -19.67
C ASP B 124 0.94 19.87 -19.69
N ASN B 125 0.27 20.32 -20.76
CA ASN B 125 -0.24 21.66 -20.87
C ASN B 125 -1.74 21.70 -21.15
N SER B 126 -2.44 22.60 -20.46
CA SER B 126 -3.87 22.73 -20.81
C SER B 126 -4.08 23.31 -22.17
N THR B 127 -5.04 22.91 -22.98
CA THR B 127 -5.33 23.59 -24.23
C THR B 127 -6.01 24.93 -24.06
N GLY B 128 -6.55 25.17 -22.89
CA GLY B 128 -7.34 26.32 -22.53
C GLY B 128 -8.82 26.22 -22.61
N GLN B 129 -9.34 25.14 -23.12
CA GLN B 129 -10.68 24.81 -23.51
C GLN B 129 -11.05 23.54 -22.73
N LEU B 130 -12.16 23.51 -22.04
CA LEU B 130 -12.59 22.30 -21.34
C LEU B 130 -13.64 21.54 -22.14
N THR B 131 -13.39 20.33 -22.47
CA THR B 131 -14.40 19.43 -23.05
C THR B 131 -15.29 18.95 -21.90
N VAL B 132 -16.62 18.99 -22.04
CA VAL B 132 -17.58 18.54 -21.07
C VAL B 132 -18.58 17.59 -21.72
N LEU B 133 -18.58 16.32 -21.28
CA LEU B 133 -19.55 15.32 -21.73
C LEU B 133 -20.33 14.80 -20.54
N SER B 134 -21.62 15.06 -20.49
CA SER B 134 -22.45 14.62 -19.34
C SER B 134 -23.86 14.24 -19.69
N ASP B 135 -24.56 13.50 -18.84
CA ASP B 135 -26.05 13.45 -18.91
C ASP B 135 -26.58 14.83 -18.52
N ASP B 136 -27.88 15.04 -18.64
CA ASP B 136 -28.52 16.28 -18.22
C ASP B 136 -28.25 16.47 -16.74
N LEU B 137 -27.63 17.61 -16.42
CA LEU B 137 -27.25 17.88 -15.04
C LEU B 137 -28.44 18.28 -14.15
N SER B 138 -29.60 18.47 -14.75
CA SER B 138 -30.77 18.86 -13.94
C SER B 138 -31.12 17.80 -12.91
N ILE B 139 -30.67 16.56 -13.11
CA ILE B 139 -30.94 15.53 -12.11
C ILE B 139 -30.27 15.84 -10.79
N PHE B 140 -29.31 16.75 -10.69
CA PHE B 140 -28.67 17.07 -9.40
C PHE B 140 -29.36 18.19 -8.65
N ARG B 141 -30.44 18.74 -9.16
CA ARG B 141 -31.17 19.77 -8.40
C ARG B 141 -31.55 19.21 -7.04
N ASP B 142 -31.28 19.99 -5.98
CA ASP B 142 -31.62 19.63 -4.61
C ASP B 142 -30.98 18.34 -4.11
N LYS B 143 -29.83 17.96 -4.70
CA LYS B 143 -29.10 16.77 -4.26
C LYS B 143 -27.80 17.17 -3.59
N HIS B 144 -27.35 16.31 -2.66
CA HIS B 144 -26.00 16.35 -2.14
C HIS B 144 -25.05 15.74 -3.17
N VAL B 145 -24.14 16.53 -3.72
CA VAL B 145 -23.23 16.12 -4.77
C VAL B 145 -21.81 16.08 -4.25
N LEU B 146 -21.11 14.98 -4.55
CA LEU B 146 -19.67 14.82 -4.32
C LEU B 146 -18.97 14.57 -5.66
N ILE B 147 -18.12 15.47 -6.08
CA ILE B 147 -17.31 15.29 -7.28
C ILE B 147 -16.05 14.54 -6.89
N VAL B 148 -15.73 13.47 -7.65
CA VAL B 148 -14.57 12.65 -7.40
C VAL B 148 -13.56 12.85 -8.57
N GLU B 149 -12.36 13.29 -8.16
CA GLU B 149 -11.29 13.63 -9.07
C GLU B 149 -9.97 12.98 -8.67
N ASP B 150 -9.09 12.74 -9.65
CA ASP B 150 -7.78 12.17 -9.36
C ASP B 150 -6.78 13.24 -8.87
N ILE B 151 -6.75 14.42 -9.49
CA ILE B 151 -5.83 15.48 -9.08
C ILE B 151 -6.48 16.81 -9.36
N VAL B 152 -6.21 17.77 -8.46
CA VAL B 152 -6.39 19.22 -8.67
C VAL B 152 -5.01 19.84 -8.78
N ASP B 153 -4.77 20.56 -9.86
CA ASP B 153 -3.50 21.17 -10.16
C ASP B 153 -3.71 22.69 -10.29
N THR B 154 -4.06 23.17 -11.50
CA THR B 154 -4.39 24.59 -11.67
C THR B 154 -5.75 24.96 -11.13
N GLY B 155 -6.67 23.98 -10.99
CA GLY B 155 -8.02 24.28 -10.60
C GLY B 155 -9.02 24.59 -11.71
N PHE B 156 -8.61 24.71 -12.94
CA PHE B 156 -9.36 25.05 -14.09
C PHE B 156 -10.49 24.02 -14.29
N THR B 157 -10.17 22.75 -14.31
CA THR B 157 -11.18 21.72 -14.61
C THR B 157 -12.37 21.85 -13.66
N LEU B 158 -12.08 21.86 -12.34
CA LEU B 158 -13.20 21.88 -11.38
C LEU B 158 -13.79 23.23 -11.14
N THR B 159 -13.11 24.31 -11.47
CA THR B 159 -13.73 25.65 -11.43
C THR B 159 -14.75 25.75 -12.54
N GLU B 160 -14.36 25.39 -13.77
CA GLU B 160 -15.30 25.46 -14.90
C GLU B 160 -16.48 24.49 -14.70
N PHE B 161 -16.23 23.24 -14.36
CA PHE B 161 -17.34 22.30 -14.19
C PHE B 161 -18.18 22.68 -12.98
N GLY B 162 -17.56 23.20 -11.91
CA GLY B 162 -18.30 23.64 -10.72
C GLY B 162 -19.38 24.66 -11.10
N GLU B 163 -19.07 25.59 -12.00
CA GLU B 163 -20.04 26.58 -12.38
C GLU B 163 -21.26 25.97 -13.12
N ARG B 164 -21.00 24.96 -13.95
CA ARG B 164 -22.10 24.32 -14.61
C ARG B 164 -23.02 23.61 -13.59
N LEU B 165 -22.45 22.97 -12.60
CA LEU B 165 -23.27 22.30 -11.60
C LEU B 165 -24.00 23.34 -10.74
N LYS B 166 -23.35 24.44 -10.34
CA LYS B 166 -24.12 25.41 -9.54
C LYS B 166 -25.42 25.85 -10.24
N ALA B 167 -25.40 25.90 -11.55
CA ALA B 167 -26.53 26.43 -12.30
C ALA B 167 -27.78 25.59 -12.18
N VAL B 168 -27.67 24.35 -11.74
CA VAL B 168 -28.85 23.50 -11.60
C VAL B 168 -29.34 23.45 -10.17
N GLY B 169 -28.72 24.20 -9.23
CA GLY B 169 -29.28 24.24 -7.90
C GLY B 169 -29.12 22.99 -7.02
N PRO B 170 -27.93 22.41 -6.88
CA PRO B 170 -27.71 21.27 -5.95
C PRO B 170 -27.93 21.76 -4.51
N LYS B 171 -28.19 20.81 -3.62
CA LYS B 171 -28.27 21.11 -2.19
C LYS B 171 -26.90 21.36 -1.57
N SER B 172 -25.90 20.58 -1.95
CA SER B 172 -24.53 20.81 -1.48
C SER B 172 -23.57 20.33 -2.57
N MET B 173 -22.36 20.87 -2.56
CA MET B 173 -21.28 20.44 -3.50
C MET B 173 -19.98 20.35 -2.72
N ARG B 174 -19.36 19.19 -2.83
CA ARG B 174 -18.04 18.95 -2.26
C ARG B 174 -17.15 18.29 -3.34
N ILE B 175 -15.86 18.31 -3.04
CA ILE B 175 -14.83 17.71 -3.90
C ILE B 175 -14.04 16.67 -3.12
N ALA B 176 -13.88 15.47 -3.66
CA ALA B 176 -12.88 14.48 -3.21
C ALA B 176 -11.82 14.46 -4.31
N THR B 177 -10.55 14.64 -3.94
CA THR B 177 -9.47 14.51 -4.93
C THR B 177 -8.35 13.71 -4.30
N LEU B 178 -7.82 12.73 -4.99
CA LEU B 178 -6.78 11.90 -4.43
C LEU B 178 -5.53 12.76 -4.13
N VAL B 179 -5.15 13.61 -5.05
CA VAL B 179 -3.98 14.44 -4.99
C VAL B 179 -4.31 15.90 -5.14
N GLU B 180 -3.65 16.78 -4.42
CA GLU B 180 -3.62 18.22 -4.67
C GLU B 180 -2.17 18.60 -4.81
N LYS B 181 -1.87 19.37 -5.86
CA LYS B 181 -0.49 19.78 -6.12
C LYS B 181 -0.20 21.17 -5.54
N ARG B 182 0.96 21.31 -4.93
CA ARG B 182 1.47 22.59 -4.46
C ARG B 182 2.11 23.29 -5.63
N THR B 183 1.45 24.33 -6.14
CA THR B 183 1.94 24.99 -7.35
C THR B 183 1.47 26.44 -7.40
N ASP B 184 2.35 27.32 -7.85
CA ASP B 184 1.93 28.72 -8.06
C ASP B 184 0.97 28.86 -9.24
N ARG B 185 0.75 27.82 -10.03
CA ARG B 185 -0.23 27.84 -11.11
C ARG B 185 -1.67 27.70 -10.58
N SER B 186 -1.88 27.36 -9.31
CA SER B 186 -3.21 27.08 -8.75
C SER B 186 -4.01 28.39 -8.64
N ASN B 187 -5.31 28.31 -8.94
CA ASN B 187 -6.23 29.42 -8.74
C ASN B 187 -6.87 29.37 -7.35
N SER B 188 -6.32 28.55 -6.46
CA SER B 188 -6.74 28.42 -5.07
C SER B 188 -7.96 27.51 -4.89
N LEU B 189 -8.55 26.94 -5.95
CA LEU B 189 -9.56 25.86 -5.73
C LEU B 189 -8.90 24.68 -5.05
N LYS B 190 -9.57 24.19 -4.02
CA LYS B 190 -9.03 23.02 -3.31
C LYS B 190 -10.18 22.11 -2.86
N GLY B 191 -9.81 20.83 -2.64
CA GLY B 191 -10.80 19.85 -2.29
C GLY B 191 -11.20 19.82 -0.82
N ASP B 192 -12.28 19.11 -0.56
CA ASP B 192 -12.80 18.85 0.78
C ASP B 192 -12.27 17.55 1.37
N PHE B 193 -12.16 16.50 0.55
CA PHE B 193 -11.59 15.20 0.99
C PHE B 193 -10.38 14.92 0.13
N VAL B 194 -9.19 15.20 0.66
CA VAL B 194 -7.96 15.18 -0.17
C VAL B 194 -7.02 14.13 0.38
N GLY B 195 -6.52 13.25 -0.53
CA GLY B 195 -5.59 12.22 -0.09
C GLY B 195 -4.21 12.74 0.29
N PHE B 196 -3.56 13.41 -0.65
CA PHE B 196 -2.16 13.75 -0.54
C PHE B 196 -1.91 15.16 -1.07
N SER B 197 -1.05 15.92 -0.41
CA SER B 197 -0.44 17.14 -0.89
C SER B 197 0.98 16.82 -1.41
N ILE B 198 1.29 17.14 -2.67
CA ILE B 198 2.56 16.82 -3.28
C ILE B 198 3.18 18.09 -3.89
N GLU B 199 4.48 17.99 -4.12
CA GLU B 199 5.23 19.10 -4.77
C GLU B 199 4.86 19.21 -6.24
N ASP B 200 5.38 20.27 -6.87
CA ASP B 200 5.06 20.57 -8.27
C ASP B 200 5.86 19.71 -9.23
N VAL B 201 5.37 18.51 -9.45
CA VAL B 201 5.95 17.55 -10.39
C VAL B 201 4.78 16.93 -11.20
N TRP B 202 5.02 16.50 -12.44
CA TRP B 202 4.00 15.86 -13.27
C TRP B 202 4.02 14.36 -12.98
N ILE B 203 2.91 13.89 -12.43
CA ILE B 203 2.81 12.47 -12.04
C ILE B 203 2.18 11.63 -13.16
N VAL B 204 2.57 10.35 -13.17
CA VAL B 204 2.05 9.35 -14.10
C VAL B 204 1.90 8.03 -13.36
N GLY B 205 1.06 7.13 -13.85
CA GLY B 205 0.82 5.86 -13.18
C GLY B 205 -0.45 5.92 -12.37
N CYS B 206 -1.05 4.76 -12.08
CA CYS B 206 -2.22 4.71 -11.20
C CYS B 206 -3.32 5.65 -11.67
N CYS B 207 -3.60 5.54 -13.00
CA CYS B 207 -4.61 6.32 -13.74
C CYS B 207 -4.12 7.68 -14.19
N TYR B 208 -3.02 8.22 -13.65
CA TYR B 208 -2.44 9.50 -14.12
C TYR B 208 -1.75 9.25 -15.46
N ASP B 209 -2.21 9.90 -16.53
CA ASP B 209 -1.65 9.62 -17.87
C ASP B 209 -0.79 10.75 -18.40
N PHE B 210 0.02 10.41 -19.40
CA PHE B 210 0.66 11.38 -20.28
C PHE B 210 0.24 10.93 -21.69
N ASN B 211 -0.65 11.69 -22.35
CA ASN B 211 -1.18 11.34 -23.68
C ASN B 211 -1.67 9.88 -23.72
N GLU B 212 -2.44 9.53 -22.68
CA GLU B 212 -3.12 8.24 -22.55
C GLU B 212 -2.16 7.12 -22.13
N MET B 213 -0.88 7.33 -21.96
CA MET B 213 0.09 6.33 -21.51
C MET B 213 0.21 6.34 -19.98
N PHE B 214 0.51 5.19 -19.41
CA PHE B 214 0.86 4.91 -18.03
C PHE B 214 -0.33 4.66 -17.08
N ARG B 215 -1.57 4.68 -17.57
CA ARG B 215 -2.70 4.57 -16.64
C ARG B 215 -2.69 3.26 -15.86
N ASP B 216 -2.30 2.14 -16.49
CA ASP B 216 -2.39 0.82 -15.88
C ASP B 216 -1.27 0.49 -14.94
N PHE B 217 -0.20 1.30 -14.89
CA PHE B 217 0.88 1.03 -13.92
C PHE B 217 0.32 1.16 -12.52
N ASP B 218 0.78 0.37 -11.58
CA ASP B 218 0.16 0.33 -10.26
C ASP B 218 0.52 1.46 -9.33
N HIS B 219 1.59 2.16 -9.58
CA HIS B 219 2.15 3.14 -8.64
C HIS B 219 2.16 4.53 -9.23
N VAL B 220 2.14 5.55 -8.37
CA VAL B 220 2.23 6.95 -8.82
C VAL B 220 3.69 7.37 -8.90
N ALA B 221 4.17 7.63 -10.09
CA ALA B 221 5.54 7.96 -10.41
C ALA B 221 5.66 9.38 -10.95
N VAL B 222 6.87 9.85 -11.13
CA VAL B 222 7.15 11.11 -11.82
C VAL B 222 7.37 10.84 -13.31
N LEU B 223 6.98 11.77 -14.17
CA LEU B 223 7.26 11.75 -15.60
C LEU B 223 8.76 11.98 -15.85
N SER B 224 9.40 10.97 -16.34
CA SER B 224 10.84 11.05 -16.61
C SER B 224 11.08 11.69 -17.94
N ASP B 225 12.34 12.13 -18.17
CA ASP B 225 12.72 12.66 -19.46
C ASP B 225 12.54 11.65 -20.59
N ALA B 226 12.82 10.38 -20.35
CA ALA B 226 12.65 9.33 -21.36
C ALA B 226 11.20 9.21 -21.74
N ALA B 227 10.27 9.24 -20.82
CA ALA B 227 8.87 9.12 -20.96
C ALA B 227 8.37 10.31 -21.77
N ARG B 228 8.82 11.52 -21.39
CA ARG B 228 8.39 12.71 -22.11
C ARG B 228 8.80 12.62 -23.58
N LYS B 229 10.06 12.23 -23.81
CA LYS B 229 10.58 12.18 -25.18
C LYS B 229 9.82 11.17 -26.01
N LYS B 230 9.54 10.00 -25.42
CA LYS B 230 8.89 8.93 -26.19
C LYS B 230 7.44 9.25 -26.48
N PHE B 231 6.70 9.84 -25.54
CA PHE B 231 5.24 9.88 -25.64
C PHE B 231 4.67 11.28 -25.88
N GLU B 232 5.52 12.33 -25.92
CA GLU B 232 5.00 13.65 -26.20
C GLU B 232 4.52 13.74 -27.68
N LYS B 233 3.62 14.67 -27.91
CA LYS B 233 3.06 14.88 -29.25
C LYS B 233 3.05 16.34 -29.61
#